data_6DJT
#
_entry.id   6DJT
#
_cell.length_a   58.260
_cell.length_b   80.109
_cell.length_c   86.456
_cell.angle_alpha   90.00
_cell.angle_beta   90.00
_cell.angle_gamma   90.00
#
_symmetry.space_group_name_H-M   'P 21 21 21'
#
loop_
_entity.id
_entity.type
_entity.pdbx_description
1 polymer 'S-adenosyl-L-methionine-dependent tRNA 4-demethylwyosine synthase'
2 non-polymer 'IRON/SULFUR CLUSTER'
3 non-polymer GLYCEROL
4 non-polymer DI(HYDROXYETHYL)ETHER
5 non-polymer 'FE2/S3 CLUSTER'
6 water water
#
_entity_poly.entity_id   1
_entity_poly.type   'polypeptide(L)'
_entity_poly.pdbx_seq_one_letter_code
;MGSSHHHHHHSSGLVPRGSHMIPEEIYKILRKQRYQIDGHTAVKLCGWVRKKMLEDKNCY(KPI)SKFYGIETHRCIQCT
PSVIWCQQNCIFCWRVLPRDIGIDISQIKEPKWEEPEVVYEKILAMHKRIIMGYAGVLDRVGEKKFKEALEPKHVAISLS
GEPTLYPYLDELIKIFHKNGFTTFVVSNGILTDVIEKIEPTQLYISLDAYDLDSYRRICGGKKEYWESILNTLDILKEKK
RTCIRTTLIRGYNDDILKFVELYERADVHFIELKSYMHVGYSQKRLKKEDMLQHDEILKLAKMLDENSSYKLIDDSEDSR
VALLQNENRKINPKL
;
_entity_poly.pdbx_strand_id   A
#
loop_
_chem_comp.id
_chem_comp.type
_chem_comp.name
_chem_comp.formula
FS0 non-polymer 'FE2/S3 CLUSTER' 'Fe2 H S3'
GOL non-polymer GLYCEROL 'C3 H8 O3'
PEG non-polymer DI(HYDROXYETHYL)ETHER 'C4 H10 O3'
SF4 non-polymer 'IRON/SULFUR CLUSTER' 'Fe4 S4'
#
# COMPACT_ATOMS: atom_id res chain seq x y z
N HIS A 20 18.70 -19.77 -7.41
CA HIS A 20 17.52 -18.93 -7.60
C HIS A 20 17.49 -17.80 -6.57
N MET A 21 16.68 -16.76 -6.85
CA MET A 21 16.64 -15.59 -5.98
C MET A 21 15.87 -15.84 -4.69
N ILE A 22 14.86 -16.70 -4.73
CA ILE A 22 13.98 -16.94 -3.60
C ILE A 22 14.08 -18.41 -3.20
N PRO A 23 14.20 -18.73 -1.91
CA PRO A 23 14.24 -20.13 -1.49
C PRO A 23 13.03 -20.88 -2.00
N GLU A 24 13.27 -22.14 -2.42
CA GLU A 24 12.20 -22.95 -2.98
C GLU A 24 11.00 -23.03 -2.04
N GLU A 25 11.26 -23.14 -0.74
CA GLU A 25 10.17 -23.23 0.23
C GLU A 25 9.32 -21.96 0.20
N ILE A 26 9.97 -20.79 0.21
CA ILE A 26 9.25 -19.52 0.18
C ILE A 26 8.49 -19.36 -1.12
N TYR A 27 9.15 -19.68 -2.25
CA TYR A 27 8.47 -19.60 -3.54
C TYR A 27 7.18 -20.41 -3.55
N LYS A 28 7.25 -21.67 -3.08
CA LYS A 28 6.06 -22.51 -3.05
C LYS A 28 4.98 -21.92 -2.16
N ILE A 29 5.37 -21.37 -1.01
CA ILE A 29 4.40 -20.76 -0.09
C ILE A 29 3.72 -19.58 -0.77
N LEU A 30 4.50 -18.74 -1.45
CA LEU A 30 3.92 -17.57 -2.12
C LEU A 30 3.01 -17.99 -3.26
N ARG A 31 3.39 -19.01 -4.03
CA ARG A 31 2.49 -19.50 -5.07
C ARG A 31 1.18 -19.98 -4.47
N LYS A 32 1.23 -20.63 -3.30
CA LYS A 32 -0.01 -21.07 -2.66
C LYS A 32 -0.87 -19.89 -2.22
N GLN A 33 -0.24 -18.77 -1.86
CA GLN A 33 -0.91 -17.50 -1.59
C GLN A 33 -1.30 -16.75 -2.86
N ARG A 34 -1.11 -17.38 -4.03
N ARG A 34 -1.14 -17.37 -4.04
CA ARG A 34 -1.56 -16.88 -5.33
CA ARG A 34 -1.60 -16.83 -5.33
C ARG A 34 -0.73 -15.69 -5.81
C ARG A 34 -0.73 -15.67 -5.81
N TYR A 35 0.53 -15.62 -5.38
CA TYR A 35 1.48 -14.65 -5.94
C TYR A 35 1.97 -15.14 -7.29
N GLN A 36 2.06 -14.22 -8.26
CA GLN A 36 2.90 -14.44 -9.43
C GLN A 36 4.28 -13.93 -9.09
N ILE A 37 5.32 -14.73 -9.36
CA ILE A 37 6.68 -14.33 -8.99
C ILE A 37 7.59 -14.49 -10.20
N ASP A 38 8.42 -13.48 -10.46
CA ASP A 38 9.45 -13.55 -11.51
C ASP A 38 10.70 -12.84 -10.99
N GLY A 39 11.68 -13.62 -10.54
CA GLY A 39 12.88 -13.05 -9.95
C GLY A 39 12.63 -12.53 -8.55
N HIS A 40 12.80 -11.22 -8.36
CA HIS A 40 12.54 -10.56 -7.08
C HIS A 40 11.26 -9.75 -7.11
N THR A 41 10.46 -9.90 -8.17
CA THR A 41 9.30 -9.08 -8.43
C THR A 41 8.05 -9.95 -8.36
N ALA A 42 6.96 -9.40 -7.83
CA ALA A 42 5.75 -10.19 -7.68
C ALA A 42 4.52 -9.34 -7.96
N VAL A 43 3.47 -10.01 -8.42
CA VAL A 43 2.16 -9.40 -8.62
C VAL A 43 1.11 -10.32 -8.03
N LYS A 44 0.11 -9.74 -7.40
CA LYS A 44 -1.02 -10.52 -6.90
C LYS A 44 -2.30 -9.75 -7.13
N LEU A 45 -3.35 -10.43 -7.59
CA LEU A 45 -4.63 -9.78 -7.77
C LEU A 45 -5.15 -9.31 -6.42
N CYS A 46 -5.41 -8.01 -6.28
CA CYS A 46 -6.11 -7.52 -5.10
C CYS A 46 -7.51 -8.12 -5.02
N GLY A 47 -7.93 -8.48 -3.81
CA GLY A 47 -9.24 -9.09 -3.63
C GLY A 47 -10.38 -8.26 -4.18
N TRP A 48 -10.22 -6.93 -4.19
CA TRP A 48 -11.27 -6.05 -4.70
C TRP A 48 -11.39 -6.12 -6.22
N VAL A 49 -10.30 -6.43 -6.92
CA VAL A 49 -10.42 -6.60 -8.37
C VAL A 49 -11.41 -7.70 -8.67
N ARG A 50 -11.34 -8.81 -7.93
CA ARG A 50 -12.30 -9.89 -8.14
C ARG A 50 -13.72 -9.40 -7.86
N LYS A 51 -13.92 -8.68 -6.75
N LYS A 51 -13.91 -8.68 -6.76
CA LYS A 51 -15.25 -8.19 -6.44
CA LYS A 51 -15.24 -8.17 -6.42
C LYS A 51 -15.76 -7.20 -7.48
C LYS A 51 -15.75 -7.21 -7.49
N LYS A 52 -14.85 -6.40 -8.05
CA LYS A 52 -15.26 -5.50 -9.13
C LYS A 52 -15.61 -6.28 -10.39
N MET A 53 -14.79 -7.27 -10.75
N MET A 53 -14.78 -7.26 -10.77
CA MET A 53 -15.00 -8.00 -12.00
CA MET A 53 -15.02 -7.99 -12.01
C MET A 53 -16.28 -8.82 -11.96
C MET A 53 -16.32 -8.79 -11.94
N LEU A 54 -16.58 -9.43 -10.81
CA LEU A 54 -17.70 -10.35 -10.67
C LEU A 54 -18.95 -9.76 -10.04
N GLU A 55 -18.81 -8.72 -9.21
CA GLU A 55 -19.96 -8.15 -8.53
C GLU A 55 -20.14 -6.66 -8.76
N ASP A 56 -19.27 -6.02 -9.55
CA ASP A 56 -19.28 -4.58 -9.78
C ASP A 56 -19.11 -3.78 -8.48
N LYS A 57 -18.41 -4.34 -7.51
CA LYS A 57 -18.10 -3.64 -6.26
C LYS A 57 -16.78 -2.90 -6.36
N ASN A 58 -16.73 -1.67 -5.86
CA ASN A 58 -15.54 -0.82 -5.91
C ASN A 58 -14.79 -0.82 -4.57
N CYS A 59 -13.46 -0.68 -4.66
CA CYS A 59 -12.64 -0.59 -3.46
C CYS A 59 -12.66 0.82 -2.88
N TYR A 60 -12.12 0.98 -1.68
CA TYR A 60 -12.18 2.29 -1.05
C TYR A 60 -11.31 3.33 -1.77
N KPI A 61 -10.31 2.87 -2.51
N KPI A 61 -10.30 2.88 -2.51
CA KPI A 61 -9.44 3.81 -3.28
CA KPI A 61 -9.45 3.82 -3.28
CB KPI A 61 -8.18 3.10 -3.75
CB KPI A 61 -8.17 3.14 -3.75
CG KPI A 61 -7.02 3.43 -2.80
CG KPI A 61 -7.04 3.35 -2.76
CD KPI A 61 -6.43 2.18 -2.16
CD KPI A 61 -6.69 2.08 -2.01
CE KPI A 61 -4.91 2.19 -2.28
CE KPI A 61 -5.18 2.01 -1.77
NZ KPI A 61 -4.50 0.85 -1.91
NZ KPI A 61 -4.94 0.66 -1.28
CX1 KPI A 61 -3.49 0.57 -1.21
CX1 KPI A 61 -3.85 0.14 -0.92
C1 KPI A 61 -2.58 1.66 -0.73
C1 KPI A 61 -3.86 -1.28 -0.45
CX2 KPI A 61 -3.25 -0.83 -0.93
CX2 KPI A 61 -2.62 0.94 -1.00
O1 KPI A 61 -2.21 -1.16 -0.33
O1 KPI A 61 -2.01 1.01 -2.09
O2 KPI A 61 -4.10 -1.67 -1.30
O2 KPI A 61 -2.21 1.51 0.03
C KPI A 61 -10.22 4.38 -4.42
C KPI A 61 -10.22 4.38 -4.42
O KPI A 61 -9.98 5.54 -4.83
O KPI A 61 -9.99 5.55 -4.83
N SER A 62 -11.15 3.60 -4.97
CA SER A 62 -12.07 4.12 -5.97
C SER A 62 -12.94 5.21 -5.34
N LYS A 63 -13.51 4.92 -4.17
CA LYS A 63 -14.35 5.90 -3.46
C LYS A 63 -13.56 7.16 -3.11
N PHE A 64 -12.37 7.00 -2.53
CA PHE A 64 -11.61 8.14 -2.04
C PHE A 64 -10.96 8.92 -3.17
N TYR A 65 -10.35 8.23 -4.14
CA TYR A 65 -9.42 8.86 -5.05
C TYR A 65 -9.84 8.78 -6.51
N GLY A 66 -10.94 8.08 -6.82
CA GLY A 66 -11.40 8.02 -8.19
C GLY A 66 -10.71 6.98 -9.05
N ILE A 67 -9.90 6.12 -8.46
CA ILE A 67 -9.23 5.05 -9.19
C ILE A 67 -10.24 3.99 -9.61
N GLU A 68 -10.02 3.36 -10.77
N GLU A 68 -10.01 3.38 -10.77
CA GLU A 68 -10.89 2.29 -11.24
CA GLU A 68 -10.85 2.28 -11.23
C GLU A 68 -10.36 0.96 -10.71
C GLU A 68 -10.31 0.98 -10.66
N THR A 69 -11.13 0.33 -9.82
CA THR A 69 -10.67 -0.84 -9.08
C THR A 69 -10.12 -1.94 -9.99
N HIS A 70 -10.85 -2.27 -11.08
CA HIS A 70 -10.42 -3.38 -11.93
C HIS A 70 -9.24 -3.02 -12.84
N ARG A 71 -8.76 -1.78 -12.79
CA ARG A 71 -7.65 -1.36 -13.62
C ARG A 71 -6.38 -1.12 -12.79
N CYS A 72 -6.29 -1.73 -11.61
N CYS A 72 -6.31 -1.73 -11.61
N CYS A 72 -6.28 -1.72 -11.60
CA CYS A 72 -5.18 -1.52 -10.68
CA CYS A 72 -5.18 -1.58 -10.72
CA CYS A 72 -5.13 -1.47 -10.72
C CYS A 72 -4.30 -2.77 -10.58
C CYS A 72 -4.30 -2.82 -10.77
C CYS A 72 -4.29 -2.73 -10.55
N ILE A 73 -2.99 -2.58 -10.74
CA ILE A 73 -2.00 -3.63 -10.54
C ILE A 73 -1.44 -3.51 -9.13
N GLN A 74 -1.50 -4.59 -8.37
CA GLN A 74 -0.87 -4.63 -7.05
C GLN A 74 0.43 -5.44 -7.18
N CYS A 75 1.57 -4.82 -6.86
CA CYS A 75 2.84 -5.45 -7.17
C CYS A 75 3.93 -4.99 -6.21
N THR A 76 5.09 -5.65 -6.31
CA THR A 76 6.28 -5.23 -5.56
C THR A 76 7.55 -5.60 -6.32
N PRO A 77 8.54 -4.72 -6.34
CA PRO A 77 9.87 -5.08 -6.88
C PRO A 77 10.81 -5.72 -5.86
N SER A 78 10.33 -6.01 -4.64
CA SER A 78 11.17 -6.54 -3.58
C SER A 78 10.33 -7.47 -2.71
N VAL A 79 9.95 -8.63 -3.28
CA VAL A 79 8.83 -9.40 -2.73
C VAL A 79 9.10 -9.90 -1.31
N ILE A 80 10.34 -10.30 -0.99
CA ILE A 80 10.59 -10.81 0.35
C ILE A 80 11.71 -10.08 1.09
N TRP A 81 12.06 -8.86 0.69
CA TRP A 81 13.12 -8.12 1.37
C TRP A 81 12.52 -6.88 2.01
N CYS A 82 12.73 -6.73 3.32
CA CYS A 82 12.20 -5.63 4.13
C CYS A 82 13.01 -5.60 5.40
N GLN A 83 13.22 -4.39 5.94
CA GLN A 83 14.01 -4.25 7.16
C GLN A 83 13.24 -4.60 8.43
N GLN A 84 11.90 -4.60 8.37
CA GLN A 84 11.09 -4.71 9.57
C GLN A 84 10.65 -6.16 9.78
N ASN A 85 9.92 -6.39 10.87
CA ASN A 85 9.42 -7.70 11.25
C ASN A 85 8.13 -7.48 12.03
N CYS A 86 7.12 -6.94 11.36
CA CYS A 86 5.92 -6.48 12.05
C CYS A 86 5.09 -7.65 12.58
N ILE A 87 4.30 -7.35 13.61
CA ILE A 87 3.50 -8.38 14.25
C ILE A 87 2.36 -8.84 13.35
N PHE A 88 1.95 -8.03 12.38
CA PHE A 88 0.90 -8.39 11.43
C PHE A 88 1.45 -8.75 10.05
N CYS A 89 2.75 -9.06 9.97
CA CYS A 89 3.40 -9.39 8.71
C CYS A 89 3.89 -10.83 8.70
N TRP A 90 3.87 -11.44 7.51
CA TRP A 90 4.32 -12.82 7.30
C TRP A 90 3.56 -13.80 8.21
N ARG A 91 2.23 -13.82 8.06
CA ARG A 91 1.41 -14.74 8.84
C ARG A 91 1.70 -16.20 8.47
N VAL A 92 2.17 -16.45 7.25
CA VAL A 92 2.47 -17.80 6.80
C VAL A 92 3.69 -18.36 7.52
N SER A 102 14.63 -13.62 7.35
CA SER A 102 15.46 -12.58 7.94
C SER A 102 16.92 -12.76 7.56
N GLN A 103 17.23 -13.90 6.94
CA GLN A 103 18.58 -14.22 6.53
C GLN A 103 18.71 -14.46 5.03
N ILE A 104 17.67 -14.18 4.26
CA ILE A 104 17.75 -14.33 2.81
C ILE A 104 18.56 -13.19 2.24
N LYS A 105 19.62 -13.53 1.52
CA LYS A 105 20.46 -12.49 0.91
C LYS A 105 19.68 -11.74 -0.16
N GLU A 106 20.03 -10.47 -0.33
CA GLU A 106 19.39 -9.66 -1.35
C GLU A 106 19.81 -10.14 -2.74
N PRO A 107 18.94 -10.05 -3.72
CA PRO A 107 19.25 -10.56 -5.07
C PRO A 107 20.04 -9.57 -5.89
N LYS A 108 20.53 -10.06 -7.03
CA LYS A 108 21.11 -9.20 -8.06
C LYS A 108 19.96 -8.48 -8.76
N TRP A 109 19.67 -7.25 -8.32
CA TRP A 109 18.48 -6.54 -8.76
C TRP A 109 18.48 -6.34 -10.27
N GLU A 110 17.33 -6.57 -10.90
CA GLU A 110 17.19 -6.43 -12.34
C GLU A 110 16.89 -4.99 -12.75
N GLU A 111 17.20 -4.68 -14.02
N GLU A 111 17.20 -4.69 -14.02
CA GLU A 111 17.02 -3.33 -14.51
CA GLU A 111 17.00 -3.35 -14.53
C GLU A 111 15.54 -2.93 -14.46
C GLU A 111 15.53 -2.94 -14.44
N PRO A 112 15.25 -1.65 -14.27
CA PRO A 112 13.85 -1.23 -14.10
C PRO A 112 12.98 -1.46 -15.34
N GLU A 113 13.55 -1.40 -16.55
CA GLU A 113 12.75 -1.73 -17.72
C GLU A 113 12.29 -3.19 -17.68
N VAL A 114 13.14 -4.08 -17.18
CA VAL A 114 12.79 -5.49 -17.09
C VAL A 114 11.72 -5.70 -16.02
N VAL A 115 11.88 -5.07 -14.86
CA VAL A 115 10.90 -5.18 -13.78
C VAL A 115 9.53 -4.69 -14.26
N TYR A 116 9.51 -3.58 -15.00
CA TYR A 116 8.28 -3.04 -15.53
C TYR A 116 7.58 -4.04 -16.45
N GLU A 117 8.32 -4.61 -17.41
CA GLU A 117 7.69 -5.56 -18.32
C GLU A 117 7.21 -6.81 -17.59
N LYS A 118 7.98 -7.27 -16.60
CA LYS A 118 7.54 -8.45 -15.85
C LYS A 118 6.27 -8.17 -15.06
N ILE A 119 6.16 -6.98 -14.48
CA ILE A 119 4.94 -6.65 -13.74
C ILE A 119 3.73 -6.67 -14.68
N LEU A 120 3.87 -6.05 -15.86
CA LEU A 120 2.74 -6.01 -16.77
C LEU A 120 2.37 -7.40 -17.27
N ALA A 121 3.38 -8.25 -17.51
CA ALA A 121 3.11 -9.59 -18.03
C ALA A 121 2.42 -10.46 -16.99
N MET A 122 2.90 -10.39 -15.74
CA MET A 122 2.27 -11.16 -14.67
C MET A 122 0.85 -10.68 -14.42
N HIS A 123 0.62 -9.36 -14.47
CA HIS A 123 -0.74 -8.85 -14.31
C HIS A 123 -1.64 -9.34 -15.44
N LYS A 124 -1.14 -9.30 -16.67
CA LYS A 124 -1.94 -9.80 -17.79
C LYS A 124 -2.34 -11.25 -17.58
N ARG A 125 -1.38 -12.07 -17.14
N ARG A 125 -1.38 -12.07 -17.13
CA ARG A 125 -1.67 -13.49 -16.90
CA ARG A 125 -1.67 -13.48 -16.89
C ARG A 125 -2.80 -13.64 -15.88
C ARG A 125 -2.78 -13.65 -15.88
N ILE A 126 -2.79 -12.83 -14.82
CA ILE A 126 -3.85 -12.93 -13.81
C ILE A 126 -5.20 -12.52 -14.41
N ILE A 127 -5.24 -11.44 -15.19
CA ILE A 127 -6.51 -10.99 -15.75
C ILE A 127 -7.04 -11.99 -16.77
N MET A 128 -6.14 -12.65 -17.51
CA MET A 128 -6.60 -13.66 -18.46
C MET A 128 -7.33 -14.81 -17.78
N GLY A 129 -7.15 -14.96 -16.46
CA GLY A 129 -7.90 -15.96 -15.70
C GLY A 129 -9.41 -15.74 -15.71
N TYR A 130 -9.85 -14.54 -16.08
CA TYR A 130 -11.27 -14.24 -16.21
C TYR A 130 -11.84 -14.58 -17.59
N ALA A 131 -10.99 -14.93 -18.56
CA ALA A 131 -11.50 -15.26 -19.89
C ALA A 131 -12.52 -16.38 -19.82
N GLY A 132 -12.29 -17.38 -18.98
CA GLY A 132 -13.23 -18.49 -18.91
C GLY A 132 -14.55 -18.19 -18.22
N VAL A 133 -14.73 -16.99 -17.66
CA VAL A 133 -16.02 -16.58 -17.12
C VAL A 133 -16.42 -15.24 -17.70
N LEU A 134 -16.17 -15.05 -19.01
CA LEU A 134 -16.49 -13.78 -19.66
C LEU A 134 -17.94 -13.38 -19.50
N ASP A 135 -18.86 -14.35 -19.47
CA ASP A 135 -20.26 -13.99 -19.28
C ASP A 135 -20.55 -13.48 -17.86
N ARG A 136 -19.71 -13.84 -16.89
CA ARG A 136 -19.88 -13.33 -15.53
C ARG A 136 -19.25 -11.94 -15.36
N VAL A 137 -18.34 -11.57 -16.25
N VAL A 137 -18.35 -11.53 -16.25
CA VAL A 137 -17.60 -10.31 -16.16
CA VAL A 137 -17.64 -10.27 -16.10
C VAL A 137 -18.13 -9.29 -17.14
C VAL A 137 -18.07 -9.25 -17.17
N GLY A 138 -18.38 -9.71 -18.38
CA GLY A 138 -18.76 -8.81 -19.45
C GLY A 138 -17.56 -8.37 -20.26
N GLU A 139 -17.70 -8.29 -21.58
N GLU A 139 -17.76 -8.25 -21.57
CA GLU A 139 -16.54 -7.99 -22.40
CA GLU A 139 -16.68 -7.85 -22.48
C GLU A 139 -15.98 -6.59 -22.13
C GLU A 139 -16.07 -6.51 -22.08
N LYS A 140 -16.85 -5.64 -21.75
N LYS A 140 -16.90 -5.55 -21.71
CA LYS A 140 -16.37 -4.29 -21.46
CA LYS A 140 -16.40 -4.19 -21.43
C LYS A 140 -15.36 -4.30 -20.33
C LYS A 140 -15.40 -4.20 -20.28
N LYS A 141 -15.75 -4.84 -19.16
CA LYS A 141 -14.85 -4.84 -18.02
C LYS A 141 -13.60 -5.65 -18.29
N PHE A 142 -13.72 -6.72 -19.06
CA PHE A 142 -12.56 -7.55 -19.38
C PHE A 142 -11.54 -6.76 -20.20
N LYS A 143 -12.01 -6.08 -21.24
CA LYS A 143 -11.12 -5.27 -22.06
C LYS A 143 -10.49 -4.14 -21.26
N GLU A 144 -11.23 -3.59 -20.29
CA GLU A 144 -10.67 -2.53 -19.44
C GLU A 144 -9.64 -3.07 -18.47
N ALA A 145 -9.90 -4.25 -17.88
CA ALA A 145 -8.94 -4.83 -16.95
C ALA A 145 -7.66 -5.24 -17.65
N LEU A 146 -7.73 -5.57 -18.95
CA LEU A 146 -6.54 -5.85 -19.73
C LEU A 146 -5.74 -4.60 -20.05
N GLU A 147 -6.27 -3.41 -19.79
CA GLU A 147 -5.56 -2.15 -20.00
C GLU A 147 -5.53 -1.43 -18.65
N PRO A 148 -4.69 -1.87 -17.73
CA PRO A 148 -4.61 -1.22 -16.42
C PRO A 148 -4.15 0.23 -16.53
N LYS A 149 -4.58 1.04 -15.54
CA LYS A 149 -4.29 2.46 -15.48
C LYS A 149 -3.53 2.87 -14.23
N HIS A 150 -3.51 2.04 -13.20
N HIS A 150 -3.52 2.04 -13.21
N HIS A 150 -3.52 2.05 -13.19
CA HIS A 150 -2.97 2.39 -11.89
CA HIS A 150 -3.00 2.39 -11.90
CA HIS A 150 -2.93 2.41 -11.90
C HIS A 150 -2.10 1.26 -11.38
C HIS A 150 -2.15 1.24 -11.39
C HIS A 150 -1.95 1.34 -11.43
N VAL A 151 -1.02 1.61 -10.67
N VAL A 151 -1.01 1.55 -10.79
CA VAL A 151 -0.09 0.62 -10.14
CA VAL A 151 -0.19 0.53 -10.15
C VAL A 151 0.09 0.89 -8.66
C VAL A 151 -0.05 0.91 -8.68
N ALA A 152 -0.25 -0.09 -7.83
CA ALA A 152 -0.07 0.02 -6.38
C ALA A 152 1.19 -0.77 -6.05
N ILE A 153 2.28 -0.06 -5.77
CA ILE A 153 3.54 -0.70 -5.43
C ILE A 153 3.51 -0.87 -3.91
N SER A 154 2.88 -1.98 -3.48
CA SER A 154 2.48 -2.09 -2.07
C SER A 154 2.19 -3.53 -1.66
N LEU A 155 2.59 -4.53 -2.44
CA LEU A 155 2.10 -5.89 -2.20
C LEU A 155 2.79 -6.53 -0.99
N SER A 156 4.11 -6.56 -0.99
N SER A 156 4.11 -6.53 -0.97
CA SER A 156 4.88 -7.19 0.08
CA SER A 156 4.90 -7.22 0.04
C SER A 156 6.32 -6.69 -0.04
C SER A 156 6.34 -6.74 -0.07
N GLY A 157 7.06 -6.75 1.05
CA GLY A 157 8.44 -6.27 1.06
C GLY A 157 8.48 -4.75 1.06
N GLU A 158 9.70 -4.21 1.13
CA GLU A 158 9.89 -2.76 1.17
C GLU A 158 10.35 -2.26 -0.19
N PRO A 159 9.53 -1.50 -0.92
CA PRO A 159 9.91 -1.14 -2.29
C PRO A 159 11.19 -0.33 -2.40
N THR A 160 11.53 0.46 -1.37
CA THR A 160 12.71 1.31 -1.48
C THR A 160 14.00 0.50 -1.40
N LEU A 161 13.93 -0.78 -1.04
CA LEU A 161 15.13 -1.60 -1.11
C LEU A 161 15.49 -1.94 -2.54
N TYR A 162 14.53 -1.89 -3.46
CA TYR A 162 14.86 -2.05 -4.88
C TYR A 162 15.58 -0.80 -5.34
N PRO A 163 16.86 -0.89 -5.73
CA PRO A 163 17.67 0.33 -5.93
C PRO A 163 17.26 1.16 -7.15
N TYR A 164 16.45 0.64 -8.06
CA TYR A 164 16.03 1.41 -9.22
C TYR A 164 14.56 1.80 -9.15
N LEU A 165 14.04 1.94 -7.91
CA LEU A 165 12.62 2.26 -7.75
C LEU A 165 12.28 3.60 -8.42
N ASP A 166 13.13 4.61 -8.25
CA ASP A 166 12.84 5.89 -8.88
C ASP A 166 12.67 5.74 -10.39
N GLU A 167 13.60 5.01 -11.02
N GLU A 167 13.58 5.00 -11.04
CA GLU A 167 13.51 4.78 -12.47
CA GLU A 167 13.46 4.84 -12.48
C GLU A 167 12.25 4.00 -12.83
C GLU A 167 12.25 3.99 -12.86
N LEU A 168 11.90 3.00 -12.03
CA LEU A 168 10.72 2.19 -12.30
C LEU A 168 9.46 3.06 -12.30
N ILE A 169 9.34 3.94 -11.30
CA ILE A 169 8.20 4.84 -11.23
C ILE A 169 8.12 5.71 -12.49
N LYS A 170 9.25 6.30 -12.88
CA LYS A 170 9.30 7.11 -14.09
C LYS A 170 8.80 6.33 -15.32
N ILE A 171 9.19 5.07 -15.43
CA ILE A 171 8.76 4.27 -16.58
C ILE A 171 7.25 4.07 -16.55
N PHE A 172 6.69 3.78 -15.36
CA PHE A 172 5.23 3.67 -15.27
C PHE A 172 4.55 4.96 -15.71
N HIS A 173 5.06 6.11 -15.27
CA HIS A 173 4.40 7.37 -15.62
C HIS A 173 4.48 7.64 -17.12
N LYS A 174 5.61 7.33 -17.75
CA LYS A 174 5.74 7.65 -19.16
C LYS A 174 4.90 6.69 -20.01
N ASN A 175 4.49 5.55 -19.44
CA ASN A 175 3.58 4.63 -20.10
C ASN A 175 2.15 4.79 -19.64
N GLY A 176 1.83 5.88 -18.97
CA GLY A 176 0.44 6.27 -18.71
C GLY A 176 -0.18 5.67 -17.47
N PHE A 177 0.60 5.21 -16.50
CA PHE A 177 0.07 4.69 -15.25
C PHE A 177 0.21 5.71 -14.14
N THR A 178 -0.80 5.81 -13.29
CA THR A 178 -0.60 6.45 -12.00
C THR A 178 0.06 5.46 -11.04
N THR A 179 0.77 5.99 -10.04
CA THR A 179 1.48 5.13 -9.11
C THR A 179 1.13 5.49 -7.66
N PHE A 180 0.82 4.47 -6.87
CA PHE A 180 0.84 4.59 -5.41
C PHE A 180 2.00 3.75 -4.90
N VAL A 181 2.83 4.31 -4.03
CA VAL A 181 3.92 3.57 -3.42
C VAL A 181 3.71 3.59 -1.92
N VAL A 182 3.76 2.41 -1.29
CA VAL A 182 3.70 2.32 0.18
C VAL A 182 5.09 1.95 0.69
N SER A 183 5.63 2.76 1.59
CA SER A 183 6.96 2.53 2.14
C SER A 183 6.93 2.65 3.66
N ASN A 184 7.79 1.89 4.31
CA ASN A 184 7.99 2.09 5.76
C ASN A 184 8.75 3.37 6.07
N GLY A 185 9.30 4.05 5.06
CA GLY A 185 9.92 5.35 5.30
C GLY A 185 11.30 5.33 5.91
N ILE A 186 11.94 4.17 6.06
CA ILE A 186 13.26 4.16 6.70
C ILE A 186 14.29 4.83 5.81
N LEU A 187 14.30 4.50 4.51
CA LEU A 187 15.34 5.00 3.61
C LEU A 187 14.97 6.41 3.11
N THR A 188 15.25 7.38 3.98
CA THR A 188 14.91 8.78 3.72
C THR A 188 15.42 9.26 2.37
N ASP A 189 16.63 8.85 1.97
CA ASP A 189 17.20 9.37 0.71
C ASP A 189 16.40 8.89 -0.48
N VAL A 190 15.81 7.70 -0.41
CA VAL A 190 14.97 7.22 -1.50
C VAL A 190 13.66 7.98 -1.51
N ILE A 191 13.07 8.21 -0.34
CA ILE A 191 11.83 8.98 -0.27
C ILE A 191 12.03 10.38 -0.83
N GLU A 192 13.17 11.01 -0.53
CA GLU A 192 13.45 12.32 -1.12
C GLU A 192 13.45 12.28 -2.64
N LYS A 193 13.97 11.19 -3.23
CA LYS A 193 14.13 11.14 -4.69
C LYS A 193 12.83 10.83 -5.42
N ILE A 194 12.03 9.91 -4.93
CA ILE A 194 10.94 9.38 -5.74
C ILE A 194 9.75 10.34 -5.77
N GLU A 195 8.96 10.27 -6.83
CA GLU A 195 7.77 11.11 -6.99
C GLU A 195 6.65 10.30 -7.61
N PRO A 196 6.05 9.40 -6.84
CA PRO A 196 4.86 8.68 -7.34
C PRO A 196 3.66 9.62 -7.34
N THR A 197 2.58 9.16 -7.98
CA THR A 197 1.35 9.96 -7.96
C THR A 197 0.89 10.23 -6.54
N GLN A 198 0.97 9.20 -5.67
CA GLN A 198 0.73 9.39 -4.25
C GLN A 198 1.69 8.51 -3.49
N LEU A 199 2.44 9.13 -2.57
CA LEU A 199 3.38 8.43 -1.72
C LEU A 199 2.71 8.16 -0.39
N TYR A 200 2.63 6.89 0.00
CA TYR A 200 2.20 6.49 1.33
C TYR A 200 3.41 6.18 2.19
N ILE A 201 3.42 6.70 3.42
CA ILE A 201 4.31 6.19 4.46
C ILE A 201 3.44 5.45 5.48
N SER A 202 3.75 4.18 5.68
N SER A 202 3.80 4.21 5.77
CA SER A 202 3.19 3.45 6.80
CA SER A 202 3.06 3.41 6.77
C SER A 202 3.72 4.05 8.09
C SER A 202 3.63 3.71 8.16
N LEU A 203 2.82 4.35 9.01
CA LEU A 203 3.25 4.84 10.33
C LEU A 203 2.34 4.13 11.34
N ASP A 204 2.83 3.00 11.83
CA ASP A 204 2.05 2.14 12.71
C ASP A 204 2.50 2.25 14.16
N ALA A 205 3.41 3.16 14.44
CA ALA A 205 3.90 3.36 15.81
C ALA A 205 4.19 4.85 16.02
N TYR A 206 4.36 5.24 17.29
CA TYR A 206 4.49 6.63 17.64
C TYR A 206 5.64 6.92 18.59
N ASP A 207 6.37 5.90 19.03
CA ASP A 207 7.60 6.10 19.77
C ASP A 207 8.43 4.84 19.64
N LEU A 208 9.63 4.85 20.24
CA LEU A 208 10.54 3.73 20.08
C LEU A 208 9.95 2.43 20.64
N ASP A 209 9.32 2.49 21.82
CA ASP A 209 8.77 1.29 22.42
C ASP A 209 7.69 0.67 21.54
N SER A 210 6.75 1.50 21.08
CA SER A 210 5.71 0.95 20.22
C SER A 210 6.26 0.48 18.88
N TYR A 211 7.30 1.15 18.38
CA TYR A 211 7.89 0.72 17.12
C TYR A 211 8.51 -0.67 17.25
N ARG A 212 9.25 -0.90 18.33
CA ARG A 212 9.83 -2.22 18.54
C ARG A 212 8.74 -3.26 18.73
N ARG A 213 7.71 -2.91 19.50
N ARG A 213 7.69 -2.93 19.49
CA ARG A 213 6.61 -3.84 19.78
CA ARG A 213 6.65 -3.90 19.76
C ARG A 213 5.87 -4.24 18.51
C ARG A 213 5.88 -4.26 18.49
N ILE A 214 5.57 -3.28 17.65
CA ILE A 214 4.69 -3.51 16.50
C ILE A 214 5.47 -3.86 15.25
N CYS A 215 6.57 -3.15 15.00
CA CYS A 215 7.27 -3.28 13.73
C CYS A 215 8.51 -4.15 13.81
N GLY A 216 8.96 -4.48 15.02
CA GLY A 216 10.14 -5.31 15.20
C GLY A 216 11.40 -4.70 14.63
N GLY A 217 11.49 -3.38 14.54
CA GLY A 217 12.62 -2.73 13.93
C GLY A 217 13.66 -2.27 14.93
N LYS A 218 14.78 -1.76 14.39
CA LYS A 218 15.86 -1.22 15.20
C LYS A 218 15.59 0.23 15.58
N LYS A 219 16.19 0.67 16.69
CA LYS A 219 16.06 2.07 17.05
C LYS A 219 16.60 2.99 15.96
N GLU A 220 17.63 2.55 15.23
CA GLU A 220 18.15 3.36 14.12
C GLU A 220 17.12 3.53 13.01
N TYR A 221 16.27 2.51 12.81
CA TYR A 221 15.23 2.65 11.79
C TYR A 221 14.21 3.68 12.21
N TRP A 222 13.80 3.65 13.49
CA TRP A 222 12.82 4.61 13.99
C TRP A 222 13.33 6.05 13.83
N GLU A 223 14.59 6.31 14.20
CA GLU A 223 15.16 7.65 14.02
C GLU A 223 15.13 8.07 12.55
N SER A 224 15.45 7.13 11.65
N SER A 224 15.41 7.12 11.65
CA SER A 224 15.42 7.43 10.22
CA SER A 224 15.43 7.43 10.22
C SER A 224 14.01 7.75 9.76
C SER A 224 14.02 7.71 9.70
N ILE A 225 13.01 7.00 10.23
CA ILE A 225 11.63 7.29 9.89
C ILE A 225 11.26 8.71 10.32
N LEU A 226 11.66 9.12 11.53
CA LEU A 226 11.38 10.48 11.97
C LEU A 226 12.03 11.49 11.02
N ASN A 227 13.25 11.21 10.56
CA ASN A 227 13.88 12.11 9.59
C ASN A 227 13.06 12.19 8.32
N THR A 228 12.51 11.06 7.88
CA THR A 228 11.65 11.04 6.71
C THR A 228 10.42 11.91 6.91
N LEU A 229 9.80 11.85 8.10
CA LEU A 229 8.64 12.70 8.37
C LEU A 229 8.94 14.17 8.09
N ASP A 230 10.19 14.60 8.38
CA ASP A 230 10.57 16.01 8.24
C ASP A 230 10.57 16.47 6.79
N ILE A 231 10.74 15.58 5.82
CA ILE A 231 10.80 16.00 4.43
C ILE A 231 9.58 15.61 3.63
N LEU A 232 8.56 14.99 4.24
CA LEU A 232 7.38 14.61 3.46
C LEU A 232 6.67 15.82 2.88
N LYS A 233 6.73 16.96 3.57
CA LYS A 233 6.09 18.17 3.08
C LYS A 233 6.66 18.64 1.75
N GLU A 234 7.88 18.19 1.40
CA GLU A 234 8.50 18.55 0.13
C GLU A 234 7.93 17.77 -1.05
N LYS A 235 7.18 16.71 -0.80
CA LYS A 235 6.71 15.83 -1.86
C LYS A 235 5.41 16.35 -2.45
N LYS A 236 5.14 15.91 -3.69
CA LYS A 236 3.99 16.44 -4.42
C LYS A 236 2.66 16.01 -3.81
N ARG A 237 2.56 14.77 -3.35
CA ARG A 237 1.28 14.28 -2.85
C ARG A 237 1.55 13.14 -1.87
N THR A 238 1.16 13.31 -0.61
CA THR A 238 1.54 12.38 0.43
C THR A 238 0.37 11.94 1.27
N CYS A 239 0.46 10.71 1.79
N CYS A 239 0.46 10.70 1.74
CA CYS A 239 -0.53 10.17 2.71
CA CYS A 239 -0.44 10.18 2.74
C CYS A 239 0.17 9.27 3.72
C CYS A 239 0.39 9.48 3.81
N ILE A 240 -0.16 9.42 5.02
CA ILE A 240 0.29 8.50 6.04
C ILE A 240 -0.85 7.53 6.29
N ARG A 241 -0.54 6.23 6.28
N ARG A 241 -0.55 6.24 6.23
CA ARG A 241 -1.51 5.18 6.59
CA ARG A 241 -1.49 5.20 6.61
C ARG A 241 -1.11 4.53 7.89
C ARG A 241 -1.06 4.65 7.96
N THR A 242 -2.02 4.54 8.87
CA THR A 242 -1.78 3.96 10.19
C THR A 242 -2.74 2.79 10.34
N THR A 243 -2.19 1.60 10.57
CA THR A 243 -2.97 0.38 10.74
C THR A 243 -3.10 0.11 12.23
N LEU A 244 -4.33 0.15 12.72
CA LEU A 244 -4.59 0.18 14.16
C LEU A 244 -4.92 -1.21 14.66
N ILE A 245 -4.27 -1.62 15.75
CA ILE A 245 -4.43 -2.94 16.36
C ILE A 245 -4.85 -2.73 17.80
N ARG A 246 -5.96 -3.35 18.20
CA ARG A 246 -6.51 -3.11 19.54
C ARG A 246 -5.48 -3.40 20.62
N GLY A 247 -5.24 -2.41 21.47
CA GLY A 247 -4.32 -2.56 22.59
C GLY A 247 -2.86 -2.46 22.27
N TYR A 248 -2.50 -2.29 20.99
CA TYR A 248 -1.10 -2.15 20.61
C TYR A 248 -0.75 -0.71 20.27
N ASN A 249 -1.53 -0.07 19.40
CA ASN A 249 -1.21 1.29 18.97
C ASN A 249 -2.45 2.13 18.81
N ASP A 250 -3.56 1.77 19.46
CA ASP A 250 -4.81 2.43 19.14
C ASP A 250 -5.09 3.65 20.04
N ASP A 251 -4.09 4.15 20.76
CA ASP A 251 -4.26 5.43 21.45
C ASP A 251 -3.92 6.52 20.44
N ILE A 252 -4.94 6.99 19.71
CA ILE A 252 -4.69 7.78 18.49
C ILE A 252 -4.02 9.12 18.82
N LEU A 253 -4.27 9.68 20.02
CA LEU A 253 -3.68 10.99 20.32
C LEU A 253 -2.16 10.91 20.48
N LYS A 254 -1.63 9.71 20.69
CA LYS A 254 -0.18 9.58 20.78
C LYS A 254 0.52 9.76 19.44
N PHE A 255 -0.23 9.72 18.32
CA PHE A 255 0.32 9.97 16.99
C PHE A 255 0.32 11.44 16.57
N VAL A 256 -0.39 12.31 17.29
CA VAL A 256 -0.72 13.63 16.75
C VAL A 256 0.54 14.43 16.44
N GLU A 257 1.50 14.46 17.36
N GLU A 257 1.50 14.46 17.36
CA GLU A 257 2.71 15.25 17.12
CA GLU A 257 2.72 15.23 17.13
C GLU A 257 3.47 14.75 15.89
C GLU A 257 3.44 14.75 15.88
N LEU A 258 3.48 13.44 15.65
CA LEU A 258 4.13 12.92 14.45
C LEU A 258 3.37 13.31 13.19
N TYR A 259 2.03 13.22 13.23
CA TYR A 259 1.24 13.61 12.07
C TYR A 259 1.44 15.09 11.74
N GLU A 260 1.47 15.95 12.76
CA GLU A 260 1.69 17.39 12.51
C GLU A 260 3.10 17.64 11.99
N ARG A 261 4.09 16.96 12.56
CA ARG A 261 5.46 17.07 12.06
C ARG A 261 5.52 16.72 10.58
N ALA A 262 4.82 15.65 10.20
CA ALA A 262 4.86 15.14 8.83
C ALA A 262 4.21 16.10 7.84
N ASP A 263 3.11 16.75 8.24
CA ASP A 263 2.46 17.78 7.42
C ASP A 263 2.11 17.26 6.02
N VAL A 264 1.49 16.06 5.98
CA VAL A 264 1.14 15.39 4.72
C VAL A 264 -0.23 15.83 4.23
N HIS A 265 -0.59 15.47 3.00
CA HIS A 265 -1.89 15.90 2.49
C HIS A 265 -3.04 15.12 3.11
N PHE A 266 -2.87 13.81 3.31
CA PHE A 266 -3.96 12.95 3.78
C PHE A 266 -3.45 11.98 4.83
N ILE A 267 -4.38 11.49 5.65
CA ILE A 267 -4.10 10.38 6.55
C ILE A 267 -5.20 9.36 6.35
N GLU A 268 -4.81 8.09 6.25
CA GLU A 268 -5.75 6.97 6.31
C GLU A 268 -5.57 6.25 7.65
N LEU A 269 -6.66 6.17 8.40
CA LEU A 269 -6.73 5.38 9.62
C LEU A 269 -7.48 4.10 9.29
N LYS A 270 -6.83 2.95 9.47
CA LYS A 270 -7.37 1.68 9.00
C LYS A 270 -7.27 0.62 10.10
N SER A 271 -8.32 -0.20 10.26
CA SER A 271 -8.18 -1.30 11.19
C SER A 271 -7.28 -2.37 10.62
N TYR A 272 -6.48 -2.96 11.50
CA TYR A 272 -5.92 -4.29 11.25
C TYR A 272 -7.02 -5.22 10.75
N MET A 273 -6.68 -6.04 9.76
N MET A 273 -6.69 -6.03 9.74
CA MET A 273 -7.58 -7.02 9.18
CA MET A 273 -7.62 -7.01 9.20
C MET A 273 -7.02 -8.42 9.42
C MET A 273 -7.03 -8.40 9.43
N HIS A 274 -7.75 -9.23 10.17
CA HIS A 274 -7.22 -10.51 10.64
C HIS A 274 -7.23 -11.57 9.55
N VAL A 275 -6.10 -12.25 9.39
CA VAL A 275 -5.96 -13.40 8.48
C VAL A 275 -6.37 -13.04 7.05
N ARG A 281 -0.59 -14.88 14.96
CA ARG A 281 0.13 -13.94 15.80
C ARG A 281 -0.84 -13.01 16.54
N LEU A 282 -1.90 -12.61 15.85
CA LEU A 282 -2.96 -11.77 16.40
C LEU A 282 -4.29 -12.50 16.24
N LYS A 283 -5.33 -11.98 16.90
CA LYS A 283 -6.64 -12.60 16.85
C LYS A 283 -7.65 -11.65 16.21
N LYS A 284 -8.76 -12.24 15.76
CA LYS A 284 -9.83 -11.45 15.14
C LYS A 284 -10.31 -10.33 16.06
N GLU A 285 -10.34 -10.60 17.38
CA GLU A 285 -10.76 -9.60 18.36
C GLU A 285 -9.81 -8.40 18.41
N ASP A 286 -8.63 -8.49 17.80
CA ASP A 286 -7.73 -7.34 17.76
C ASP A 286 -8.08 -6.35 16.65
N MET A 287 -9.02 -6.69 15.78
CA MET A 287 -9.55 -5.74 14.82
C MET A 287 -10.44 -4.74 15.54
N LEU A 288 -10.43 -3.50 15.03
N LEU A 288 -10.47 -3.52 15.00
CA LEU A 288 -11.33 -2.46 15.51
CA LEU A 288 -11.33 -2.46 15.51
C LEU A 288 -12.60 -2.46 14.68
C LEU A 288 -12.59 -2.38 14.66
N GLN A 289 -13.73 -2.21 15.32
CA GLN A 289 -14.99 -2.03 14.59
C GLN A 289 -14.93 -0.74 13.79
N HIS A 290 -15.70 -0.67 12.69
CA HIS A 290 -15.66 0.58 11.93
C HIS A 290 -16.08 1.76 12.79
N ASP A 291 -17.04 1.56 13.72
CA ASP A 291 -17.41 2.67 14.59
C ASP A 291 -16.24 3.15 15.44
N GLU A 292 -15.35 2.23 15.82
CA GLU A 292 -14.16 2.63 16.57
C GLU A 292 -13.20 3.41 15.68
N ILE A 293 -13.05 2.99 14.42
CA ILE A 293 -12.20 3.74 13.48
C ILE A 293 -12.74 5.15 13.33
N LEU A 294 -14.06 5.29 13.21
CA LEU A 294 -14.67 6.61 13.11
C LEU A 294 -14.48 7.41 14.39
N LYS A 295 -14.62 6.77 15.56
CA LYS A 295 -14.37 7.46 16.83
C LYS A 295 -12.95 8.01 16.87
N LEU A 296 -11.97 7.18 16.54
CA LEU A 296 -10.57 7.62 16.59
C LEU A 296 -10.30 8.70 15.55
N ALA A 297 -10.92 8.60 14.37
CA ALA A 297 -10.74 9.62 13.34
C ALA A 297 -11.31 10.96 13.78
N LYS A 298 -12.47 10.93 14.44
CA LYS A 298 -13.05 12.15 14.98
C LYS A 298 -12.20 12.74 16.10
N MET A 299 -11.65 11.90 16.98
CA MET A 299 -10.71 12.39 17.98
C MET A 299 -9.50 13.05 17.30
N LEU A 300 -8.97 12.42 16.25
CA LEU A 300 -7.84 13.01 15.55
C LEU A 300 -8.22 14.36 14.97
N ASP A 301 -9.39 14.43 14.34
CA ASP A 301 -9.93 15.67 13.80
C ASP A 301 -10.01 16.76 14.88
N GLU A 302 -10.57 16.41 16.04
CA GLU A 302 -10.72 17.38 17.12
C GLU A 302 -9.40 17.87 17.68
N ASN A 303 -8.30 17.14 17.46
CA ASN A 303 -7.05 17.43 18.13
C ASN A 303 -5.90 17.74 17.19
N SER A 304 -6.19 18.01 15.91
CA SER A 304 -5.12 18.16 14.92
C SER A 304 -5.63 19.00 13.77
N SER A 305 -4.72 19.33 12.86
CA SER A 305 -5.12 20.06 11.67
C SER A 305 -5.65 19.15 10.57
N TYR A 306 -5.83 17.87 10.85
CA TYR A 306 -6.35 16.91 9.87
C TYR A 306 -7.84 16.70 10.12
N LYS A 307 -8.65 16.85 9.06
CA LYS A 307 -10.09 16.85 9.18
C LYS A 307 -10.67 15.61 8.49
N LEU A 308 -11.64 14.98 9.15
CA LEU A 308 -12.28 13.78 8.62
C LEU A 308 -13.14 14.16 7.41
N ILE A 309 -12.89 13.53 6.26
CA ILE A 309 -13.62 13.89 5.05
C ILE A 309 -14.32 12.71 4.37
N ASP A 310 -13.96 11.47 4.68
CA ASP A 310 -14.58 10.32 4.03
C ASP A 310 -14.27 9.08 4.85
N ASP A 311 -14.97 7.98 4.53
CA ASP A 311 -14.74 6.71 5.22
C ASP A 311 -15.32 5.59 4.38
N SER A 312 -14.83 4.37 4.62
CA SER A 312 -15.36 3.17 3.96
C SER A 312 -15.49 2.06 4.99
N GLU A 313 -16.74 1.69 5.31
CA GLU A 313 -16.99 0.64 6.28
C GLU A 313 -16.46 -0.71 5.79
N ASP A 314 -16.57 -0.97 4.47
CA ASP A 314 -16.11 -2.24 3.89
C ASP A 314 -14.68 -2.55 4.29
N SER A 315 -13.81 -1.53 4.29
CA SER A 315 -12.40 -1.71 4.55
C SER A 315 -11.98 -1.08 5.87
N ARG A 316 -12.95 -0.64 6.69
CA ARG A 316 -12.70 -0.08 8.03
C ARG A 316 -11.61 0.99 7.99
N VAL A 317 -11.80 1.97 7.12
CA VAL A 317 -10.81 3.02 6.91
C VAL A 317 -11.50 4.37 6.91
N ALA A 318 -10.84 5.37 7.51
CA ALA A 318 -11.26 6.76 7.49
C ALA A 318 -10.20 7.59 6.78
N LEU A 319 -10.64 8.58 6.01
CA LEU A 319 -9.75 9.48 5.28
C LEU A 319 -9.81 10.86 5.92
N LEU A 320 -8.65 11.39 6.31
CA LEU A 320 -8.54 12.74 6.82
C LEU A 320 -7.67 13.59 5.91
N GLN A 321 -7.93 14.90 5.90
CA GLN A 321 -7.31 15.86 4.98
C GLN A 321 -6.68 16.99 5.77
N ASN A 322 -5.43 17.30 5.45
CA ASN A 322 -4.71 18.41 6.07
C ASN A 322 -5.42 19.73 5.74
N GLU A 323 -5.95 20.42 6.76
N GLU A 323 -5.95 20.41 6.76
CA GLU A 323 -6.71 21.63 6.48
CA GLU A 323 -6.71 21.63 6.48
C GLU A 323 -5.82 22.78 6.00
C GLU A 323 -5.82 22.78 6.00
N ASN A 324 -4.51 22.70 6.22
CA ASN A 324 -3.58 23.71 5.76
C ASN A 324 -2.91 23.37 4.44
N ARG A 325 -3.13 22.17 3.92
CA ARG A 325 -2.57 21.76 2.64
C ARG A 325 -3.64 21.00 1.85
N LYS A 326 -4.78 21.67 1.60
CA LYS A 326 -5.91 21.00 0.98
C LYS A 326 -5.66 20.80 -0.50
N ILE A 327 -5.73 19.55 -0.96
CA ILE A 327 -5.75 19.23 -2.38
C ILE A 327 -6.91 18.29 -2.63
N ASN A 328 -7.33 18.23 -3.88
CA ASN A 328 -8.45 17.38 -4.25
C ASN A 328 -8.06 15.92 -4.06
N PRO A 329 -8.81 15.14 -3.27
CA PRO A 329 -8.47 13.70 -3.16
C PRO A 329 -8.63 12.96 -4.47
N LYS A 330 -9.55 13.39 -5.33
CA LYS A 330 -9.72 12.71 -6.60
C LYS A 330 -8.54 12.99 -7.50
N LEU A 331 -7.90 11.94 -7.99
CA LEU A 331 -6.77 12.09 -8.90
C LEU A 331 -7.22 12.75 -10.21
FE1 SF4 B . -7.97 -0.67 -4.72
FE2 SF4 B . -5.39 -0.90 -3.23
FE3 SF4 B . -5.68 -1.41 -6.01
FE4 SF4 B . -6.77 -3.08 -4.20
S1 SF4 B . -4.59 -2.57 -4.41
S2 SF4 B . -7.70 -2.41 -6.18
S3 SF4 B . -7.56 -1.56 -2.69
S4 SF4 B . -6.09 0.59 -5.10
C1 GOL C . -0.32 -3.33 -20.09
O1 GOL C . -1.44 -2.63 -20.64
C2 GOL C . -0.40 -4.84 -20.34
O2 GOL C . -0.87 -5.06 -21.67
C3 GOL C . -1.34 -5.51 -19.33
O3 GOL C . -0.75 -5.63 -18.01
C1 GOL D . -9.87 0.39 21.82
O1 GOL D . -8.69 0.03 22.58
C2 GOL D . -9.69 1.83 21.37
O2 GOL D . -9.90 2.70 22.48
C3 GOL D . -10.64 2.16 20.23
O3 GOL D . -12.01 1.97 20.60
C1 GOL E . -18.87 2.83 3.51
O1 GOL E . -19.45 4.00 4.13
C2 GOL E . -19.33 2.58 2.07
O2 GOL E . -19.00 3.70 1.25
C3 GOL E . -18.61 1.36 1.53
O3 GOL E . -18.32 0.44 2.58
C1 GOL F . 3.02 -3.57 1.98
O1 GOL F . 2.48 -2.31 2.37
C2 GOL F . 4.54 -3.45 1.85
O2 GOL F . 5.12 -3.90 3.08
C3 GOL F . 4.93 -1.99 1.59
O3 GOL F . 4.84 -1.70 0.19
C1 GOL G . -18.19 -17.96 -20.91
O1 GOL G . -16.99 -17.19 -21.10
C2 GOL G . -18.31 -18.31 -19.43
O2 GOL G . -18.86 -17.18 -18.75
C3 GOL G . -19.22 -19.51 -19.22
O3 GOL G . -19.29 -20.30 -20.42
C1 GOL H . -1.68 0.72 24.87
O1 GOL H . -1.07 0.87 26.15
C2 GOL H . -1.03 1.69 23.91
O2 GOL H . -0.95 3.00 24.49
C3 GOL H . -1.86 1.77 22.64
O3 GOL H . -1.35 2.85 21.85
C1 GOL I . 4.96 3.54 24.83
O1 GOL I . 5.50 3.18 26.10
C2 GOL I . 3.49 3.14 24.77
O2 GOL I . 3.13 2.74 23.44
C3 GOL I . 2.58 4.29 25.19
O3 GOL I . 3.29 5.50 25.44
C1 GOL J . -15.72 -6.91 14.26
O1 GOL J . -15.96 -7.82 13.18
C2 GOL J . -14.27 -7.01 14.75
O2 GOL J . -13.83 -8.38 14.68
C3 GOL J . -14.16 -6.47 16.17
O3 GOL J . -13.01 -7.03 16.83
C1 PEG K . -12.35 17.80 0.40
O1 PEG K . -13.63 17.17 0.42
C2 PEG K . -12.28 18.78 -0.78
O2 PEG K . -10.98 19.33 -0.90
C3 PEG K . -11.02 20.59 -1.59
C4 PEG K . -9.78 20.75 -2.47
O4 PEG K . -9.60 22.13 -2.78
C1 PEG L . 14.24 17.14 -2.57
O1 PEG L . 15.20 16.17 -3.01
C2 PEG L . 12.98 16.43 -2.13
O2 PEG L . 11.88 17.11 -2.72
C3 PEG L . 10.88 16.21 -3.18
C4 PEG L . 10.52 16.61 -4.60
O4 PEG L . 9.11 16.76 -4.74
FE1 FS0 M . 6.07 -5.46 8.22
FE2 FS0 M . 7.88 -5.50 6.16
S1 FS0 M . 6.35 -3.89 6.60
S2 FS0 M . 7.81 -6.87 7.97
S5 FS0 M . 7.14 -6.75 4.35
#